data_7QTP
#
_entry.id   7QTP
#
_cell.length_a   58.535
_cell.length_b   51.202
_cell.length_c   27.868
_cell.angle_alpha   90.000
_cell.angle_beta   90.550
_cell.angle_gamma   90.000
#
_symmetry.space_group_name_H-M   'C 1 2 1'
#
loop_
_entity.id
_entity.type
_entity.pdbx_description
1 polymer 'Protein scribble homolog'
2 polymer 'Non-structural protein 1'
3 water water
#
loop_
_entity_poly.entity_id
_entity_poly.type
_entity_poly.pdbx_seq_one_letter_code
_entity_poly.pdbx_strand_id
1 'polypeptide(L)'
;SAPSVKGVSFDQANNLLIEPARIEEEELTLTILRQTGGLGISIAGGKGSTPYKGDDEGIFISRVSEEGPAARAGVRVGDK
LLEVNGVALQGAEHHEAVEALRGAGTAVQMRVWRERM
;
A
2 'polypeptide(L)' KMARTIESKV B
#
# COMPACT_ATOMS: atom_id res chain seq x y z
N ILE A 23 -8.57 -11.62 14.69
CA ILE A 23 -8.20 -10.68 13.63
C ILE A 23 -8.72 -11.13 12.27
N GLU A 24 -9.72 -10.42 11.76
CA GLU A 24 -10.29 -10.65 10.45
C GLU A 24 -10.33 -9.32 9.70
N GLU A 25 -10.86 -9.35 8.48
CA GLU A 25 -10.62 -8.27 7.55
C GLU A 25 -11.55 -7.09 7.81
N GLU A 26 -11.04 -5.90 7.51
CA GLU A 26 -11.69 -4.63 7.79
C GLU A 26 -11.15 -3.64 6.77
N GLU A 27 -12.04 -2.97 6.04
CA GLU A 27 -11.57 -1.97 5.09
C GLU A 27 -11.41 -0.64 5.79
N LEU A 28 -10.30 0.05 5.52
CA LEU A 28 -10.09 1.38 6.06
C LEU A 28 -9.50 2.30 5.00
N THR A 29 -9.78 3.60 5.14
CA THR A 29 -9.15 4.67 4.37
C THR A 29 -8.15 5.39 5.26
N LEU A 30 -6.90 5.44 4.82
CA LEU A 30 -5.80 6.11 5.49
C LEU A 30 -5.34 7.28 4.64
N THR A 31 -4.99 8.39 5.29
CA THR A 31 -4.77 9.68 4.63
C THR A 31 -3.38 10.16 4.99
N ILE A 32 -2.46 10.09 4.02
CA ILE A 32 -1.08 10.43 4.25
C ILE A 32 -0.85 11.86 3.74
N LEU A 33 0.28 12.44 4.11
CA LEU A 33 0.56 13.83 3.82
C LEU A 33 1.64 13.91 2.75
N GLY A 38 10.47 11.13 1.40
CA GLY A 38 9.59 10.03 1.09
C GLY A 38 8.44 9.94 2.07
N LEU A 39 7.78 8.79 2.11
CA LEU A 39 6.65 8.55 3.00
C LEU A 39 6.85 7.31 3.85
N GLY A 40 8.04 6.72 3.84
CA GLY A 40 8.39 5.73 4.85
C GLY A 40 7.59 4.46 4.81
N ILE A 41 6.98 4.15 3.66
CA ILE A 41 6.36 2.85 3.40
C ILE A 41 7.09 2.20 2.26
N SER A 42 7.44 0.92 2.42
CA SER A 42 7.81 0.04 1.33
C SER A 42 6.58 -0.77 0.94
N ILE A 43 6.43 -1.04 -0.36
CA ILE A 43 5.31 -1.84 -0.84
C ILE A 43 5.88 -3.05 -1.57
N ALA A 44 5.17 -4.18 -1.47
CA ALA A 44 5.58 -5.41 -2.10
C ALA A 44 4.40 -6.03 -2.85
N GLY A 45 4.72 -6.93 -3.77
CA GLY A 45 3.72 -7.73 -4.46
C GLY A 45 3.20 -7.09 -5.73
N GLY A 46 2.16 -7.72 -6.27
CA GLY A 46 1.51 -7.28 -7.51
C GLY A 46 1.38 -8.39 -8.54
N LYS A 47 0.41 -8.23 -9.45
CA LYS A 47 0.21 -9.22 -10.50
C LYS A 47 1.49 -9.40 -11.29
N GLY A 48 1.83 -10.66 -11.56
CA GLY A 48 3.07 -10.95 -12.27
C GLY A 48 4.30 -10.51 -11.51
N SER A 49 4.34 -10.78 -10.21
CA SER A 49 5.48 -10.38 -9.38
C SER A 49 5.56 -11.31 -8.19
N THR A 50 6.69 -11.26 -7.50
CA THR A 50 6.89 -12.18 -6.38
C THR A 50 5.91 -11.87 -5.27
N PRO A 51 4.98 -12.77 -4.92
CA PRO A 51 3.97 -12.44 -3.91
C PRO A 51 4.60 -11.99 -2.59
N TYR A 52 3.84 -11.16 -1.86
CA TYR A 52 4.21 -10.76 -0.50
C TYR A 52 3.95 -11.85 0.52
N LYS A 53 2.87 -12.61 0.36
CA LYS A 53 2.52 -13.67 1.31
C LYS A 53 1.77 -14.79 0.61
N GLY A 54 1.99 -16.02 1.05
CA GLY A 54 1.25 -17.18 0.56
C GLY A 54 0.85 -17.11 -0.91
N ASP A 55 -0.45 -17.13 -1.18
CA ASP A 55 -0.94 -17.18 -2.55
C ASP A 55 -1.36 -15.84 -3.11
N ASP A 56 -1.31 -14.77 -2.32
CA ASP A 56 -1.90 -13.50 -2.71
C ASP A 56 -0.96 -12.71 -3.59
N GLU A 57 -1.46 -12.29 -4.75
CA GLU A 57 -0.72 -11.42 -5.66
C GLU A 57 -0.99 -9.94 -5.41
N GLY A 58 -1.65 -9.58 -4.32
CA GLY A 58 -1.98 -8.19 -4.07
C GLY A 58 -0.75 -7.35 -3.79
N ILE A 59 -0.96 -6.05 -3.67
CA ILE A 59 0.10 -5.10 -3.34
C ILE A 59 -0.06 -4.78 -1.85
N PHE A 60 1.03 -4.90 -1.08
CA PHE A 60 1.00 -4.79 0.37
C PHE A 60 2.01 -3.77 0.88
N ILE A 61 1.71 -3.23 2.05
CA ILE A 61 2.68 -2.45 2.82
C ILE A 61 3.65 -3.44 3.45
N SER A 62 4.90 -3.45 2.99
CA SER A 62 5.92 -4.33 3.54
C SER A 62 6.69 -3.72 4.69
N ARG A 63 6.77 -2.39 4.75
CA ARG A 63 7.56 -1.69 5.75
C ARG A 63 6.89 -0.36 6.05
N VAL A 64 6.96 0.06 7.32
CA VAL A 64 6.49 1.38 7.73
C VAL A 64 7.53 1.95 8.68
N SER A 65 8.15 3.06 8.28
CA SER A 65 9.16 3.71 9.11
C SER A 65 8.49 4.65 10.11
N GLU A 66 8.86 4.51 11.38
CA GLU A 66 8.07 5.13 12.44
C GLU A 66 7.91 6.63 12.24
N GLU A 67 8.84 7.27 11.53
CA GLU A 67 8.78 8.72 11.31
C GLU A 67 8.43 9.00 9.85
N GLY A 68 7.16 8.75 9.54
CA GLY A 68 6.61 9.06 8.24
C GLY A 68 5.20 9.57 8.43
N PRO A 69 4.68 10.29 7.45
CA PRO A 69 3.27 10.71 7.52
C PRO A 69 2.31 9.53 7.54
N ALA A 70 2.73 8.39 7.00
CA ALA A 70 1.84 7.23 6.96
C ALA A 70 1.68 6.62 8.34
N ALA A 71 2.73 6.66 9.17
CA ALA A 71 2.59 6.16 10.54
C ALA A 71 1.54 6.96 11.31
N ARG A 72 1.70 8.29 11.36
CA ARG A 72 0.71 9.13 12.04
C ARG A 72 -0.67 9.06 11.37
N ALA A 73 -0.73 8.70 10.08
CA ALA A 73 -2.00 8.40 9.45
C ALA A 73 -2.53 7.02 9.84
N GLY A 74 -1.69 6.15 10.39
CA GLY A 74 -2.12 4.86 10.86
C GLY A 74 -1.94 3.71 9.90
N VAL A 75 -1.18 3.90 8.84
CA VAL A 75 -0.91 2.78 7.95
C VAL A 75 -0.09 1.74 8.69
N ARG A 76 -0.33 0.47 8.38
CA ARG A 76 0.24 -0.64 9.13
C ARG A 76 0.85 -1.67 8.18
N VAL A 77 1.95 -2.28 8.62
CA VAL A 77 2.58 -3.36 7.87
C VAL A 77 1.56 -4.47 7.64
N GLY A 78 1.49 -4.93 6.39
CA GLY A 78 0.56 -5.97 6.03
C GLY A 78 -0.73 -5.48 5.43
N ASP A 79 -1.05 -4.19 5.58
CA ASP A 79 -2.19 -3.62 4.88
C ASP A 79 -2.11 -3.94 3.39
N LYS A 80 -3.23 -4.38 2.82
CA LYS A 80 -3.30 -4.62 1.39
C LYS A 80 -3.86 -3.38 0.71
N LEU A 81 -3.15 -2.86 -0.27
CA LEU A 81 -3.59 -1.65 -0.97
C LEU A 81 -4.72 -1.99 -1.93
N LEU A 82 -5.83 -1.25 -1.84
CA LEU A 82 -6.94 -1.41 -2.77
C LEU A 82 -7.12 -0.23 -3.71
N GLU A 83 -6.91 0.98 -3.22
CA GLU A 83 -7.11 2.16 -4.04
C GLU A 83 -6.22 3.29 -3.52
N VAL A 84 -5.56 3.97 -4.44
CA VAL A 84 -4.79 5.16 -4.11
C VAL A 84 -5.38 6.32 -4.92
N ASN A 85 -6.07 7.21 -4.23
CA ASN A 85 -6.66 8.38 -4.86
C ASN A 85 -7.40 8.00 -6.15
N GLY A 86 -8.43 7.16 -5.99
CA GLY A 86 -9.27 6.77 -7.10
C GLY A 86 -8.66 5.72 -8.00
N VAL A 87 -7.32 5.62 -8.00
CA VAL A 87 -6.63 4.65 -8.84
C VAL A 87 -6.78 3.27 -8.23
N ALA A 88 -7.42 2.37 -8.96
CA ALA A 88 -7.71 1.04 -8.44
C ALA A 88 -6.47 0.17 -8.55
N LEU A 89 -6.03 -0.39 -7.42
CA LEU A 89 -4.81 -1.19 -7.38
C LEU A 89 -5.08 -2.67 -7.10
N GLN A 90 -6.34 -3.04 -6.91
CA GLN A 90 -6.72 -4.44 -6.82
C GLN A 90 -6.35 -5.13 -8.13
N GLY A 91 -5.42 -6.08 -8.05
CA GLY A 91 -4.97 -6.79 -9.23
C GLY A 91 -4.04 -6.02 -10.14
N ALA A 92 -3.54 -4.85 -9.71
CA ALA A 92 -2.57 -4.10 -10.47
C ALA A 92 -1.18 -4.70 -10.33
N GLU A 93 -0.33 -4.40 -11.30
CA GLU A 93 1.06 -4.80 -11.24
C GLU A 93 1.84 -3.84 -10.34
N HIS A 94 3.02 -4.29 -9.92
CA HIS A 94 3.81 -3.50 -8.98
C HIS A 94 4.02 -2.07 -9.48
N HIS A 95 4.55 -1.92 -10.70
CA HIS A 95 4.88 -0.58 -11.17
C HIS A 95 3.68 0.35 -11.14
N GLU A 96 2.47 -0.20 -11.33
CA GLU A 96 1.27 0.64 -11.29
C GLU A 96 1.13 1.29 -9.93
N ALA A 97 1.39 0.53 -8.85
CA ALA A 97 1.20 1.09 -7.53
C ALA A 97 2.26 2.12 -7.23
N VAL A 98 3.51 1.81 -7.56
CA VAL A 98 4.58 2.79 -7.39
C VAL A 98 4.20 4.11 -8.05
N GLU A 99 3.81 4.07 -9.33
CA GLU A 99 3.52 5.31 -10.05
C GLU A 99 2.31 6.03 -9.48
N ALA A 100 1.24 5.28 -9.20
CA ALA A 100 0.06 5.86 -8.55
C ALA A 100 0.41 6.58 -7.25
N LEU A 101 1.32 6.01 -6.44
CA LEU A 101 1.63 6.63 -5.16
C LEU A 101 2.39 7.94 -5.31
N ARG A 102 3.32 8.00 -6.27
CA ARG A 102 4.11 9.21 -6.42
C ARG A 102 3.28 10.32 -7.04
N GLY A 103 2.36 9.98 -7.94
CA GLY A 103 1.53 10.96 -8.60
C GLY A 103 0.31 11.42 -7.83
N ALA A 104 0.06 10.88 -6.64
CA ALA A 104 -1.15 11.20 -5.90
C ALA A 104 -1.10 12.60 -5.28
N THR A 106 -0.51 15.71 -2.68
CA THR A 106 -0.26 16.05 -1.28
C THR A 106 -1.09 15.21 -0.33
N ALA A 107 -2.30 14.87 -0.80
CA ALA A 107 -3.24 14.08 -0.03
C ALA A 107 -3.40 12.72 -0.67
N VAL A 108 -3.33 11.68 0.17
CA VAL A 108 -3.39 10.30 -0.28
C VAL A 108 -4.54 9.63 0.47
N GLN A 109 -5.72 9.60 -0.14
CA GLN A 109 -6.80 8.74 0.34
C GLN A 109 -6.45 7.30 -0.02
N MET A 110 -5.85 6.59 0.93
CA MET A 110 -5.36 5.23 0.69
C MET A 110 -6.35 4.23 1.30
N ARG A 111 -7.06 3.52 0.43
CA ARG A 111 -8.01 2.49 0.86
C ARG A 111 -7.28 1.15 0.98
N VAL A 112 -7.43 0.50 2.14
CA VAL A 112 -6.71 -0.75 2.38
C VAL A 112 -7.64 -1.77 3.00
N TRP A 113 -7.27 -3.04 2.88
CA TRP A 113 -7.87 -4.11 3.66
C TRP A 113 -6.87 -4.56 4.72
N ARG A 114 -7.30 -4.59 5.96
CA ARG A 114 -6.45 -5.02 7.07
C ARG A 114 -7.11 -6.16 7.82
N GLU A 115 -6.30 -7.14 8.18
CA GLU A 115 -6.71 -8.28 8.98
C GLU A 115 -6.52 -7.98 10.47
N ILE B 6 10.02 -7.46 -4.83
CA ILE B 6 10.54 -6.11 -4.90
C ILE B 6 9.84 -5.20 -3.89
N GLU B 7 10.63 -4.40 -3.19
CA GLU B 7 10.16 -3.40 -2.23
C GLU B 7 10.63 -2.02 -2.66
N SER B 8 9.67 -1.12 -2.82
CA SER B 8 9.87 0.27 -3.23
C SER B 8 9.34 1.21 -2.16
N LYS B 9 10.15 2.24 -1.86
CA LYS B 9 9.99 3.10 -0.70
C LYS B 9 9.00 4.23 -0.90
N VAL B 10 8.59 4.50 -2.14
CA VAL B 10 7.62 5.56 -2.41
C VAL B 10 7.94 6.81 -1.59
#